data_5VC5
#
_entry.id   5VC5
#
_cell.length_a   50.530
_cell.length_b   44.400
_cell.length_c   61.980
_cell.angle_alpha   90.000
_cell.angle_beta   99.970
_cell.angle_gamma   90.000
#
_symmetry.space_group_name_H-M   'P 1 21 1'
#
loop_
_entity.id
_entity.type
_entity.pdbx_description
1 polymer 'Wee1-like protein kinase'
2 non-polymer 6-(2,6-dichlorophenyl)-2-({4-[2-(diethylamino)ethoxy]phenyl}amino)-8-methylpyrido[2,3-d]pyrimidin-7(8H)-one
3 non-polymer 1,2-ETHANEDIOL
4 non-polymer 'CHLORIDE ION'
5 non-polymer DI(HYDROXYETHYL)ETHER
6 water water
#
_entity_poly.entity_id   1
_entity_poly.type   'polypeptide(L)'
_entity_poly.pdbx_seq_one_letter_code
;GAGSMKSRYTTEFHELEKIGSGEFGSVFKCVKRLDGCIYAIKRSKKPLAGSVDEQNALREVYAHAVLGQHSHVVRYFSAW
AEDDHMLIQNEYCNGGSLADAISENYRIMSYFKEAELKDLLLQVGRGLRYIHSMSLVHMDIKPSNIFISRTSIPNAASEE
GDEDDWASNKVMFKIGDLGHVTRISSPQVEEGDSRFLANEVLQENYTHLPKADIFALALTVVCAAGAEPLPRNGDQWHEI
RQGRLPRIPQVLSQEFTELLKVMIHPDPERRPSAMALVKHSVLLSASRK
;
_entity_poly.pdbx_strand_id   A
#
loop_
_chem_comp.id
_chem_comp.type
_chem_comp.name
_chem_comp.formula
96M non-polymer 6-(2,6-dichlorophenyl)-2-({4-[2-(diethylamino)ethoxy]phenyl}amino)-8-methylpyrido[2,3-d]pyrimidin-7(8H)-one 'C26 H27 Cl2 N5 O2'
CL non-polymer 'CHLORIDE ION' 'Cl -1'
EDO non-polymer 1,2-ETHANEDIOL 'C2 H6 O2'
PEG non-polymer DI(HYDROXYETHYL)ETHER 'C4 H10 O3'
#
# COMPACT_ATOMS: atom_id res chain seq x y z
N SER A 7 -6.33 30.78 -8.12
CA SER A 7 -6.30 29.36 -7.72
C SER A 7 -5.06 28.65 -8.26
N ARG A 8 -4.22 28.11 -7.38
CA ARG A 8 -2.99 27.44 -7.84
C ARG A 8 -3.36 26.20 -8.62
N TYR A 9 -4.33 25.45 -8.10
CA TYR A 9 -4.82 24.20 -8.70
C TYR A 9 -5.21 24.38 -10.16
N THR A 10 -6.02 25.39 -10.43
CA THR A 10 -6.48 25.65 -11.81
C THR A 10 -5.43 26.36 -12.67
N THR A 11 -4.58 27.19 -12.06
CA THR A 11 -3.50 27.83 -12.79
C THR A 11 -2.47 26.81 -13.31
N GLU A 12 -2.02 25.90 -12.43
CA GLU A 12 -0.96 24.95 -12.76
C GLU A 12 -1.44 23.72 -13.53
N PHE A 13 -2.71 23.34 -13.35
CA PHE A 13 -3.21 22.06 -13.82
C PHE A 13 -4.53 22.21 -14.56
N HIS A 14 -4.78 21.31 -15.51
CA HIS A 14 -6.11 21.10 -16.10
C HIS A 14 -6.63 19.73 -15.71
N GLU A 15 -7.83 19.74 -15.14
CA GLU A 15 -8.47 18.54 -14.61
C GLU A 15 -9.03 17.67 -15.73
N LEU A 16 -8.66 16.38 -15.80
CA LEU A 16 -9.19 15.49 -16.83
C LEU A 16 -10.37 14.59 -16.43
N GLU A 17 -10.34 14.01 -15.25
CA GLU A 17 -11.40 13.13 -14.78
C GLU A 17 -11.17 12.74 -13.34
N LYS A 18 -12.27 12.46 -12.67
CA LYS A 18 -12.21 11.97 -11.29
C LYS A 18 -11.90 10.51 -11.30
N ILE A 19 -10.88 10.16 -10.54
CA ILE A 19 -10.43 8.78 -10.46
C ILE A 19 -10.60 8.20 -9.06
N GLY A 20 -10.94 9.03 -8.06
CA GLY A 20 -11.31 8.55 -6.73
C GLY A 20 -12.24 9.50 -5.97
N SER A 21 -12.92 8.98 -4.95
CA SER A 21 -13.75 9.81 -4.11
C SER A 21 -13.98 9.06 -2.80
N GLY A 22 -14.49 9.74 -1.79
CA GLY A 22 -14.69 9.08 -0.51
C GLY A 22 -14.90 10.07 0.61
N GLU A 23 -14.83 9.55 1.85
CA GLU A 23 -14.99 10.31 3.07
C GLU A 23 -14.46 11.73 2.90
N PHE A 24 -13.23 11.83 2.41
CA PHE A 24 -12.81 13.00 1.65
C PHE A 24 -11.44 12.73 1.01
N GLY A 25 -11.17 13.31 -0.15
CA GLY A 25 -12.09 14.15 -0.90
C GLY A 25 -12.39 13.51 -2.23
N SER A 26 -11.86 14.12 -3.28
CA SER A 26 -11.82 13.48 -4.57
C SER A 26 -10.36 13.38 -5.01
N VAL A 27 -10.07 12.48 -5.95
CA VAL A 27 -8.77 12.44 -6.61
C VAL A 27 -9.01 12.59 -8.09
N PHE A 28 -8.26 13.51 -8.68
CA PHE A 28 -8.40 13.80 -10.10
C PHE A 28 -7.13 13.48 -10.86
N LYS A 29 -7.34 12.92 -12.05
CA LYS A 29 -6.32 12.89 -13.06
C LYS A 29 -6.24 14.27 -13.72
N CYS A 30 -5.04 14.87 -13.71
CA CYS A 30 -4.79 16.22 -14.22
C CYS A 30 -3.54 16.30 -15.10
N VAL A 31 -3.53 17.24 -16.04
CA VAL A 31 -2.31 17.54 -16.75
C VAL A 31 -1.75 18.81 -16.18
N LYS A 32 -0.44 18.79 -15.92
CA LYS A 32 0.26 19.97 -15.51
C LYS A 32 0.64 20.77 -16.74
N ARG A 33 0.31 22.06 -16.73
CA ARG A 33 0.37 22.84 -17.98
C ARG A 33 1.79 23.08 -18.38
N LEU A 34 2.67 23.23 -17.40
CA LEU A 34 4.06 23.63 -17.69
C LEU A 34 4.84 22.47 -18.28
N ASP A 35 4.59 21.24 -17.81
CA ASP A 35 5.41 20.12 -18.29
C ASP A 35 4.64 19.08 -19.10
N GLY A 36 3.32 19.27 -19.23
CA GLY A 36 2.49 18.35 -20.02
C GLY A 36 2.39 16.92 -19.50
N CYS A 37 2.72 16.71 -18.24
CA CYS A 37 2.68 15.36 -17.66
C CYS A 37 1.41 15.22 -16.86
N ILE A 38 1.07 13.96 -16.54
CA ILE A 38 -0.17 13.61 -15.87
C ILE A 38 0.16 13.31 -14.42
N TYR A 39 -0.63 13.92 -13.54
CA TYR A 39 -0.51 13.71 -12.10
C TYR A 39 -1.86 13.33 -11.50
N ALA A 40 -1.82 12.71 -10.33
CA ALA A 40 -3.01 12.50 -9.51
C ALA A 40 -3.00 13.55 -8.41
N ILE A 41 -4.11 14.27 -8.31
CA ILE A 41 -4.21 15.30 -7.29
C ILE A 41 -5.42 15.05 -6.40
N LYS A 42 -5.15 14.94 -5.10
CA LYS A 42 -6.17 14.71 -4.10
C LYS A 42 -6.60 16.03 -3.55
N ARG A 43 -7.88 16.33 -3.67
CA ARG A 43 -8.39 17.62 -3.26
C ARG A 43 -9.44 17.37 -2.20
N SER A 44 -9.22 17.97 -1.04
CA SER A 44 -10.17 17.77 0.07
C SER A 44 -10.34 18.99 0.97
N LYS A 45 -11.41 19.00 1.75
CA LYS A 45 -11.60 20.07 2.72
C LYS A 45 -10.48 19.97 3.73
N LYS A 46 -9.97 21.11 4.19
CA LYS A 46 -8.80 21.08 5.05
C LYS A 46 -9.21 20.45 6.37
N PRO A 47 -8.43 19.49 6.87
CA PRO A 47 -8.81 18.85 8.12
C PRO A 47 -9.02 19.83 9.26
N LEU A 48 -10.00 19.54 10.10
CA LEU A 48 -10.14 20.24 11.36
C LEU A 48 -8.84 20.09 12.12
N ALA A 49 -8.35 21.20 12.65
CA ALA A 49 -7.09 21.20 13.37
C ALA A 49 -7.16 20.23 14.54
N GLY A 50 -6.26 19.26 14.57
CA GLY A 50 -6.16 18.35 15.69
C GLY A 50 -6.95 17.06 15.51
N SER A 51 -7.59 16.91 14.35
CA SER A 51 -8.35 15.70 14.07
C SER A 51 -7.44 14.59 13.55
N VAL A 52 -7.99 13.37 13.48
CA VAL A 52 -7.26 12.23 12.94
C VAL A 52 -6.90 12.53 11.48
N ASP A 53 -7.84 13.12 10.74
CA ASP A 53 -7.61 13.42 9.32
C ASP A 53 -6.42 14.35 9.12
N GLU A 54 -6.24 15.30 10.04
CA GLU A 54 -5.10 16.19 10.00
C GLU A 54 -3.81 15.45 10.28
N GLN A 55 -3.78 14.63 11.34
CA GLN A 55 -2.53 13.94 11.63
C GLN A 55 -2.20 12.91 10.55
N ASN A 56 -3.20 12.35 9.86
CA ASN A 56 -2.94 11.55 8.63
C ASN A 56 -2.24 12.38 7.59
N ALA A 57 -2.72 13.59 7.37
CA ALA A 57 -2.10 14.47 6.37
C ALA A 57 -0.67 14.83 6.81
N LEU A 58 -0.51 15.04 8.12
CA LEU A 58 0.79 15.28 8.75
C LEU A 58 1.74 14.10 8.63
N ARG A 59 1.26 12.87 8.90
CA ARG A 59 2.10 11.70 8.72
C ARG A 59 2.60 11.61 7.29
N GLU A 60 1.71 11.92 6.36
CA GLU A 60 2.01 11.87 4.95
C GLU A 60 3.09 12.86 4.47
N VAL A 61 2.92 14.13 4.80
CA VAL A 61 3.91 15.14 4.42
C VAL A 61 5.29 14.82 5.01
N TYR A 62 5.29 14.35 6.24
CA TYR A 62 6.54 14.19 6.93
C TYR A 62 7.17 12.84 6.63
N ALA A 63 6.35 11.88 6.25
CA ALA A 63 6.88 10.66 5.65
C ALA A 63 7.65 11.01 4.37
N HIS A 64 7.04 11.83 3.53
CA HIS A 64 7.69 12.25 2.28
C HIS A 64 8.99 13.03 2.50
N ALA A 65 9.02 13.83 3.55
CA ALA A 65 10.21 14.64 3.86
C ALA A 65 11.39 13.74 4.19
N VAL A 66 11.11 12.63 4.83
CA VAL A 66 12.14 11.65 5.15
C VAL A 66 12.55 10.85 3.92
N LEU A 67 11.56 10.37 3.19
CA LEU A 67 11.74 9.33 2.20
C LEU A 67 12.32 9.86 0.91
N GLY A 68 11.80 10.98 0.43
CA GLY A 68 12.12 11.39 -0.92
C GLY A 68 11.69 10.26 -1.85
N GLN A 69 12.25 10.19 -3.06
CA GLN A 69 11.68 9.33 -4.10
C GLN A 69 12.21 7.89 -4.11
N HIS A 70 11.35 6.95 -4.50
CA HIS A 70 11.78 5.58 -4.72
C HIS A 70 10.90 4.92 -5.78
N SER A 71 11.46 4.04 -6.59
CA SER A 71 10.72 3.55 -7.77
C SER A 71 9.51 2.68 -7.41
N HIS A 72 9.43 2.19 -6.16
CA HIS A 72 8.28 1.38 -5.72
C HIS A 72 7.46 2.03 -4.63
N VAL A 73 7.60 3.34 -4.55
CA VAL A 73 6.75 4.19 -3.73
C VAL A 73 6.14 5.26 -4.63
N VAL A 74 4.84 5.47 -4.55
CA VAL A 74 4.14 6.49 -5.36
C VAL A 74 4.72 7.85 -5.02
N ARG A 75 5.19 8.57 -6.01
CA ARG A 75 5.89 9.80 -5.73
C ARG A 75 4.95 10.92 -5.26
N TYR A 76 5.32 11.57 -4.17
N TYR A 76 5.40 11.64 -4.25
CA TYR A 76 4.65 12.78 -3.73
CA TYR A 76 4.70 12.78 -3.66
C TYR A 76 5.44 13.92 -4.35
C TYR A 76 5.43 14.05 -4.15
N PHE A 77 4.75 14.93 -4.87
CA PHE A 77 5.42 16.05 -5.49
C PHE A 77 5.28 17.31 -4.70
N SER A 78 4.09 17.56 -4.24
CA SER A 78 3.79 18.84 -3.65
C SER A 78 2.47 18.78 -2.94
N ALA A 79 2.35 19.58 -1.89
CA ALA A 79 1.08 19.71 -1.21
C ALA A 79 0.92 21.14 -0.82
N TRP A 80 -0.31 21.63 -0.93
CA TRP A 80 -0.58 22.99 -0.50
C TRP A 80 -2.01 23.07 -0.04
N ALA A 81 -2.34 24.14 0.66
CA ALA A 81 -3.72 24.40 1.02
C ALA A 81 -4.10 25.76 0.44
N GLU A 82 -5.35 25.86 0.01
CA GLU A 82 -5.88 27.11 -0.50
C GLU A 82 -7.40 27.07 -0.46
N ASP A 83 -8.02 28.21 -0.14
CA ASP A 83 -9.47 28.29 -0.21
C ASP A 83 -10.16 27.23 0.68
N ASP A 84 -9.63 27.03 1.89
CA ASP A 84 -10.12 26.02 2.84
C ASP A 84 -10.10 24.59 2.30
N HIS A 85 -9.26 24.35 1.30
CA HIS A 85 -9.01 22.99 0.83
C HIS A 85 -7.53 22.62 0.92
N MET A 86 -7.29 21.32 0.97
CA MET A 86 -5.96 20.74 0.92
C MET A 86 -5.79 20.04 -0.42
N LEU A 87 -4.68 20.30 -1.08
CA LEU A 87 -4.37 19.67 -2.38
C LEU A 87 -3.05 18.93 -2.27
N ILE A 88 -3.08 17.66 -2.65
CA ILE A 88 -1.89 16.80 -2.62
C ILE A 88 -1.62 16.20 -4.00
N GLN A 89 -0.45 16.52 -4.53
CA GLN A 89 -0.06 16.13 -5.87
C GLN A 89 0.83 14.92 -5.82
N ASN A 90 0.37 13.87 -6.47
CA ASN A 90 1.12 12.62 -6.60
C ASN A 90 1.42 12.28 -8.06
N GLU A 91 2.34 11.37 -8.24
CA GLU A 91 2.53 10.62 -9.47
C GLU A 91 1.21 9.96 -9.85
N TYR A 92 0.89 9.96 -11.14
CA TYR A 92 -0.26 9.21 -11.68
C TYR A 92 0.20 7.83 -12.11
N CYS A 93 -0.40 6.80 -11.52
CA CYS A 93 -0.20 5.41 -11.91
C CYS A 93 -1.32 4.96 -12.82
N ASN A 94 -1.00 4.77 -14.09
CA ASN A 94 -2.05 4.66 -15.10
C ASN A 94 -2.79 3.32 -15.01
N GLY A 95 -2.25 2.40 -14.24
CA GLY A 95 -2.89 1.10 -14.08
C GLY A 95 -3.88 1.00 -12.91
N GLY A 96 -4.09 2.08 -12.18
CA GLY A 96 -5.02 2.04 -11.06
C GLY A 96 -4.38 1.33 -9.85
N SER A 97 -5.22 1.01 -8.88
CA SER A 97 -4.77 0.25 -7.70
C SER A 97 -4.85 -1.25 -7.93
N LEU A 98 -4.18 -1.99 -7.05
CA LEU A 98 -4.21 -3.44 -7.15
C LEU A 98 -5.63 -3.90 -6.82
N ALA A 99 -6.33 -3.17 -5.96
CA ALA A 99 -7.73 -3.50 -5.67
C ALA A 99 -8.58 -3.44 -6.96
N ASP A 100 -8.38 -2.39 -7.75
CA ASP A 100 -9.10 -2.19 -9.03
C ASP A 100 -8.83 -3.39 -9.95
N ALA A 101 -7.54 -3.76 -10.02
CA ALA A 101 -7.12 -4.78 -10.96
C ALA A 101 -7.70 -6.14 -10.57
N ILE A 102 -7.72 -6.45 -9.26
CA ILE A 102 -8.35 -7.66 -8.76
C ILE A 102 -9.85 -7.69 -9.10
N SER A 103 -10.57 -6.58 -8.90
CA SER A 103 -11.99 -6.53 -9.27
C SER A 103 -12.16 -6.75 -10.78
N GLU A 104 -11.28 -6.15 -11.55
CA GLU A 104 -11.42 -6.26 -13.01
C GLU A 104 -11.13 -7.70 -13.42
N ASN A 105 -10.17 -8.36 -12.77
CA ASN A 105 -9.92 -9.77 -13.01
C ASN A 105 -11.17 -10.63 -12.81
N TYR A 106 -11.94 -10.34 -11.76
CA TYR A 106 -13.19 -11.04 -11.52
C TYR A 106 -14.26 -10.67 -12.56
N ARG A 107 -14.30 -9.40 -12.95
CA ARG A 107 -15.25 -8.97 -13.98
C ARG A 107 -15.10 -9.78 -15.27
N ILE A 108 -13.87 -9.83 -15.80
CA ILE A 108 -13.61 -10.43 -17.11
C ILE A 108 -13.12 -11.88 -17.03
N MET A 109 -12.98 -12.40 -15.81
CA MET A 109 -12.45 -13.75 -15.53
C MET A 109 -11.02 -13.92 -16.05
N SER A 110 -10.16 -12.98 -15.66
CA SER A 110 -8.72 -13.14 -15.83
C SER A 110 -8.09 -13.37 -14.46
N TYR A 111 -6.76 -13.48 -14.41
CA TYR A 111 -6.04 -13.69 -13.16
C TYR A 111 -4.57 -13.34 -13.31
N PHE A 112 -3.88 -13.22 -12.19
CA PHE A 112 -2.42 -13.05 -12.19
C PHE A 112 -1.69 -14.40 -12.20
N LYS A 113 -0.86 -14.65 -13.23
CA LYS A 113 -0.07 -15.88 -13.27
C LYS A 113 0.89 -15.87 -12.08
N GLU A 114 1.37 -17.05 -11.66
CA GLU A 114 2.25 -17.16 -10.49
C GLU A 114 3.46 -16.23 -10.63
N ALA A 115 4.05 -16.19 -11.82
CA ALA A 115 5.21 -15.34 -12.05
C ALA A 115 4.86 -13.88 -11.75
N GLU A 116 3.63 -13.49 -12.11
CA GLU A 116 3.18 -12.12 -11.89
C GLU A 116 2.94 -11.86 -10.40
N LEU A 117 2.43 -12.84 -9.68
CA LEU A 117 2.28 -12.70 -8.23
C LEU A 117 3.62 -12.55 -7.51
N LYS A 118 4.61 -13.34 -7.90
CA LYS A 118 5.95 -13.22 -7.30
C LYS A 118 6.53 -11.83 -7.55
N ASP A 119 6.28 -11.32 -8.76
CA ASP A 119 6.77 -9.99 -9.17
C ASP A 119 6.16 -8.91 -8.28
N LEU A 120 4.86 -9.02 -8.06
CA LEU A 120 4.14 -8.15 -7.14
C LEU A 120 4.80 -8.17 -5.75
N LEU A 121 5.02 -9.38 -5.25
CA LEU A 121 5.56 -9.53 -3.92
C LEU A 121 6.95 -8.88 -3.87
N LEU A 122 7.79 -9.23 -4.85
CA LEU A 122 9.15 -8.69 -4.89
C LEU A 122 9.18 -7.16 -4.96
N GLN A 123 8.38 -6.59 -5.85
CA GLN A 123 8.40 -5.15 -6.03
C GLN A 123 7.90 -4.35 -4.83
N VAL A 124 6.79 -4.78 -4.23
CA VAL A 124 6.32 -4.09 -3.03
C VAL A 124 7.36 -4.32 -1.90
N GLY A 125 7.98 -5.49 -1.88
CA GLY A 125 9.03 -5.78 -0.90
C GLY A 125 10.15 -4.78 -1.00
N ARG A 126 10.47 -4.40 -2.24
CA ARG A 126 11.55 -3.46 -2.47
C ARG A 126 11.17 -2.10 -1.95
N GLY A 127 9.90 -1.73 -2.09
CA GLY A 127 9.40 -0.50 -1.51
C GLY A 127 9.47 -0.53 0.01
N LEU A 128 9.03 -1.62 0.62
CA LEU A 128 9.12 -1.73 2.07
C LEU A 128 10.57 -1.75 2.58
N ARG A 129 11.47 -2.38 1.83
CA ARG A 129 12.86 -2.40 2.22
C ARG A 129 13.35 -0.99 2.36
N TYR A 130 13.00 -0.12 1.42
CA TYR A 130 13.47 1.25 1.51
C TYR A 130 12.82 2.00 2.67
N ILE A 131 11.50 1.89 2.81
CA ILE A 131 10.78 2.58 3.89
C ILE A 131 11.35 2.16 5.24
N HIS A 132 11.58 0.85 5.40
CA HIS A 132 12.04 0.30 6.68
C HIS A 132 13.46 0.74 6.95
N SER A 133 14.25 0.86 5.89
CA SER A 133 15.65 1.26 6.03
C SER A 133 15.75 2.71 6.50
N MET A 134 14.69 3.49 6.30
CA MET A 134 14.66 4.86 6.82
C MET A 134 13.97 4.92 8.19
N SER A 135 13.86 3.75 8.84
CA SER A 135 13.24 3.61 10.15
C SER A 135 11.77 4.03 10.22
N LEU A 136 11.07 3.85 9.10
CA LEU A 136 9.63 4.06 9.05
C LEU A 136 8.94 2.74 8.76
N VAL A 137 7.64 2.69 9.02
CA VAL A 137 6.80 1.56 8.69
C VAL A 137 5.54 2.13 8.07
N HIS A 138 4.88 1.37 7.22
CA HIS A 138 3.83 1.94 6.41
C HIS A 138 2.50 1.84 7.13
N MET A 139 2.23 0.65 7.67
CA MET A 139 1.10 0.39 8.57
C MET A 139 -0.27 0.41 7.87
N ASP A 140 -0.31 0.47 6.55
CA ASP A 140 -1.58 0.29 5.87
C ASP A 140 -1.43 -0.36 4.50
N ILE A 141 -0.59 -1.40 4.44
CA ILE A 141 -0.45 -2.18 3.21
C ILE A 141 -1.71 -3.00 2.97
N LYS A 142 -2.26 -2.85 1.76
CA LYS A 142 -3.45 -3.58 1.31
C LYS A 142 -3.62 -3.26 -0.17
N PRO A 143 -4.42 -4.05 -0.88
CA PRO A 143 -4.51 -3.90 -2.33
C PRO A 143 -4.91 -2.48 -2.80
N SER A 144 -5.78 -1.79 -2.05
CA SER A 144 -6.22 -0.44 -2.51
C SER A 144 -5.11 0.63 -2.38
N ASN A 145 -4.05 0.31 -1.63
CA ASN A 145 -2.87 1.18 -1.49
C ASN A 145 -1.65 0.73 -2.27
N ILE A 146 -1.82 -0.27 -3.13
CA ILE A 146 -0.77 -0.63 -4.06
C ILE A 146 -1.23 -0.12 -5.42
N PHE A 147 -0.36 0.64 -6.08
CA PHE A 147 -0.72 1.21 -7.42
C PHE A 147 0.14 0.68 -8.52
N ILE A 148 -0.35 0.80 -9.76
CA ILE A 148 0.24 0.08 -10.88
C ILE A 148 0.52 1.07 -12.00
N SER A 149 1.76 1.10 -12.47
CA SER A 149 2.15 1.85 -13.67
C SER A 149 2.53 0.85 -14.73
N ARG A 150 2.01 1.01 -15.93
CA ARG A 150 2.23 0.05 -17.02
C ARG A 150 2.70 0.77 -18.27
N THR A 151 3.33 0.02 -19.17
CA THR A 151 3.50 0.31 -20.62
C THR A 151 4.83 -0.27 -21.04
N LYS A 170 5.06 -4.65 -19.32
CA LYS A 170 5.98 -3.90 -18.47
C LYS A 170 5.21 -3.15 -17.38
N VAL A 171 5.43 -3.56 -16.12
CA VAL A 171 4.54 -3.21 -15.01
C VAL A 171 5.33 -2.85 -13.74
N MET A 172 5.04 -1.70 -13.13
CA MET A 172 5.67 -1.28 -11.88
C MET A 172 4.60 -1.21 -10.78
N PHE A 173 4.82 -1.91 -9.67
CA PHE A 173 3.97 -1.74 -8.45
C PHE A 173 4.62 -0.76 -7.45
N LYS A 174 3.79 0.12 -6.91
CA LYS A 174 4.22 1.22 -6.07
C LYS A 174 3.32 1.33 -4.83
N ILE A 175 3.95 1.58 -3.70
CA ILE A 175 3.23 1.80 -2.45
C ILE A 175 2.68 3.21 -2.36
N GLY A 176 1.39 3.31 -2.18
CA GLY A 176 0.72 4.61 -2.05
C GLY A 176 0.20 4.85 -0.62
N ASP A 177 -0.30 6.07 -0.41
CA ASP A 177 -0.93 6.51 0.84
C ASP A 177 -0.11 6.36 2.12
N LEU A 178 0.78 7.32 2.35
CA LEU A 178 1.68 7.33 3.51
C LEU A 178 1.05 7.91 4.77
N GLY A 179 -0.29 7.97 4.78
CA GLY A 179 -1.06 8.63 5.81
C GLY A 179 -0.99 7.94 7.18
N HIS A 180 -0.58 6.67 7.19
CA HIS A 180 -0.44 5.91 8.46
C HIS A 180 1.02 5.63 8.80
N VAL A 181 1.94 6.22 8.03
CA VAL A 181 3.36 5.97 8.20
C VAL A 181 3.75 6.45 9.59
N THR A 182 4.54 5.66 10.30
CA THR A 182 5.01 6.06 11.61
C THR A 182 6.45 5.59 11.83
N ARG A 183 7.04 6.07 12.90
CA ARG A 183 8.42 5.81 13.22
C ARG A 183 8.55 4.53 14.02
N ILE A 184 9.57 3.73 13.72
CA ILE A 184 9.80 2.51 14.47
C ILE A 184 10.16 2.86 15.90
N SER A 185 10.87 3.97 16.10
CA SER A 185 11.42 4.29 17.42
C SER A 185 10.41 4.97 18.32
N SER A 186 9.40 5.60 17.73
CA SER A 186 8.36 6.25 18.51
C SER A 186 7.04 6.13 17.77
N PRO A 187 6.54 4.89 17.65
CA PRO A 187 5.37 4.61 16.81
C PRO A 187 4.08 5.22 17.35
N GLN A 188 3.33 5.89 16.49
CA GLN A 188 1.96 6.28 16.79
C GLN A 188 1.13 5.50 15.81
N VAL A 189 0.37 4.54 16.34
CA VAL A 189 -0.21 3.53 15.49
C VAL A 189 -1.68 3.81 15.34
N GLU A 190 -2.02 4.29 14.16
CA GLU A 190 -3.37 4.26 13.67
C GLU A 190 -3.47 2.91 12.98
N GLU A 191 -4.36 2.07 13.48
CA GLU A 191 -4.52 0.75 12.92
C GLU A 191 -5.08 0.85 11.50
N GLY A 192 -4.67 -0.09 10.66
CA GLY A 192 -5.24 -0.22 9.34
C GLY A 192 -6.38 -1.22 9.34
N ASP A 193 -6.96 -1.41 8.16
CA ASP A 193 -7.92 -2.46 7.85
C ASP A 193 -7.73 -3.75 8.62
N SER A 194 -8.74 -4.16 9.37
CA SER A 194 -8.60 -5.32 10.23
C SER A 194 -8.33 -6.60 9.41
N ARG A 195 -8.76 -6.63 8.15
CA ARG A 195 -8.47 -7.77 7.28
C ARG A 195 -6.99 -8.10 7.08
N PHE A 196 -6.14 -7.07 7.16
CA PHE A 196 -4.70 -7.20 6.86
C PHE A 196 -3.86 -7.02 8.11
N LEU A 197 -4.52 -6.87 9.27
CA LEU A 197 -3.83 -6.51 10.52
C LEU A 197 -3.27 -7.73 11.27
N ALA A 198 -1.98 -7.69 11.56
CA ALA A 198 -1.30 -8.76 12.32
C ALA A 198 -1.77 -8.75 13.77
N ASN A 199 -1.80 -9.92 14.41
CA ASN A 199 -2.36 -9.99 15.75
C ASN A 199 -1.59 -9.17 16.79
N GLU A 200 -0.27 -9.10 16.69
CA GLU A 200 0.51 -8.38 17.69
C GLU A 200 0.22 -6.87 17.68
N VAL A 201 -0.10 -6.30 16.51
CA VAL A 201 -0.46 -4.88 16.48
C VAL A 201 -1.80 -4.64 17.19
N LEU A 202 -2.75 -5.52 16.94
CA LEU A 202 -4.02 -5.47 17.63
C LEU A 202 -3.82 -5.58 19.15
N GLN A 203 -2.82 -6.36 19.54
CA GLN A 203 -2.49 -6.54 20.97
C GLN A 203 -1.66 -5.35 21.53
N GLU A 204 -1.47 -4.33 20.69
CA GLU A 204 -0.72 -3.11 21.04
C GLU A 204 0.75 -3.38 21.39
N ASN A 205 1.28 -4.44 20.80
CA ASN A 205 2.72 -4.73 20.77
C ASN A 205 3.35 -4.10 19.54
N TYR A 206 4.06 -2.98 19.71
CA TYR A 206 4.59 -2.23 18.61
C TYR A 206 6.09 -2.37 18.52
N THR A 207 6.64 -3.49 19.00
CA THR A 207 8.10 -3.63 18.99
C THR A 207 8.67 -4.24 17.71
N HIS A 208 7.80 -4.72 16.82
CA HIS A 208 8.25 -5.36 15.58
C HIS A 208 7.43 -4.86 14.38
N LEU A 209 7.16 -3.57 14.31
CA LEU A 209 6.24 -3.05 13.26
C LEU A 209 6.67 -3.34 11.81
N PRO A 210 7.98 -3.45 11.51
CA PRO A 210 8.22 -3.83 10.10
C PRO A 210 7.58 -5.15 9.69
N LYS A 211 7.42 -6.07 10.64
CA LYS A 211 6.84 -7.40 10.38
C LYS A 211 5.32 -7.35 10.23
N ALA A 212 4.68 -6.31 10.73
CA ALA A 212 3.27 -6.08 10.40
C ALA A 212 3.09 -5.71 8.92
N ASP A 213 3.99 -4.90 8.39
CA ASP A 213 3.97 -4.61 6.94
C ASP A 213 4.16 -5.91 6.13
N ILE A 214 5.07 -6.78 6.54
CA ILE A 214 5.35 -8.05 5.86
C ILE A 214 4.09 -8.95 5.87
N PHE A 215 3.44 -9.03 7.03
CA PHE A 215 2.21 -9.77 7.19
C PHE A 215 1.13 -9.29 6.18
N ALA A 216 0.96 -7.99 6.13
CA ALA A 216 -0.13 -7.43 5.34
C ALA A 216 0.19 -7.62 3.85
N LEU A 217 1.44 -7.53 3.51
CA LEU A 217 1.89 -7.78 2.14
C LEU A 217 1.56 -9.23 1.74
N ALA A 218 1.84 -10.23 2.61
CA ALA A 218 1.45 -11.61 2.31
C ALA A 218 -0.03 -11.73 1.98
N LEU A 219 -0.90 -11.22 2.84
CA LEU A 219 -2.34 -11.31 2.61
C LEU A 219 -2.77 -10.52 1.37
N THR A 220 -2.09 -9.41 1.12
CA THR A 220 -2.32 -8.63 -0.12
C THR A 220 -2.06 -9.51 -1.35
N VAL A 221 -0.99 -10.30 -1.31
CA VAL A 221 -0.67 -11.18 -2.45
C VAL A 221 -1.70 -12.30 -2.52
N VAL A 222 -2.16 -12.74 -1.36
CA VAL A 222 -3.16 -13.79 -1.30
C VAL A 222 -4.47 -13.31 -1.93
N CYS A 223 -4.78 -12.03 -1.74
CA CYS A 223 -5.97 -11.46 -2.33
C CYS A 223 -5.81 -11.42 -3.84
N ALA A 224 -4.64 -10.95 -4.27
CA ALA A 224 -4.28 -10.90 -5.68
C ALA A 224 -4.36 -12.29 -6.35
N ALA A 225 -4.15 -13.32 -5.54
CA ALA A 225 -4.15 -14.71 -6.01
C ALA A 225 -5.54 -15.35 -6.12
N GLY A 226 -6.60 -14.60 -5.84
CA GLY A 226 -7.95 -15.12 -6.03
C GLY A 226 -8.58 -15.69 -4.77
N ALA A 227 -7.98 -15.44 -3.61
CA ALA A 227 -8.54 -15.98 -2.37
C ALA A 227 -9.92 -15.38 -2.12
N GLU A 228 -10.77 -16.12 -1.41
CA GLU A 228 -12.06 -15.58 -1.00
C GLU A 228 -11.80 -14.30 -0.20
N PRO A 229 -12.81 -13.41 -0.12
CA PRO A 229 -12.60 -12.15 0.60
C PRO A 229 -12.15 -12.42 2.02
N LEU A 230 -11.14 -11.71 2.46
CA LEU A 230 -10.59 -11.95 3.78
C LEU A 230 -11.55 -11.57 4.88
N PRO A 231 -11.55 -12.34 5.98
CA PRO A 231 -12.40 -12.09 7.14
C PRO A 231 -11.97 -10.85 7.92
N ARG A 232 -12.91 -10.08 8.43
CA ARG A 232 -12.61 -8.94 9.30
C ARG A 232 -12.46 -9.35 10.77
N ASN A 233 -12.97 -10.54 11.10
CA ASN A 233 -12.91 -11.06 12.48
C ASN A 233 -13.47 -12.48 12.52
N GLY A 234 -13.71 -13.02 13.71
CA GLY A 234 -14.26 -14.35 13.82
C GLY A 234 -13.20 -15.44 13.79
N ASP A 235 -13.64 -16.68 13.60
CA ASP A 235 -12.73 -17.83 13.65
C ASP A 235 -11.76 -17.81 12.47
N GLN A 236 -12.27 -17.49 11.29
CA GLN A 236 -11.46 -17.47 10.09
C GLN A 236 -10.35 -16.45 10.26
N TRP A 237 -10.68 -15.30 10.86
CA TRP A 237 -9.68 -14.27 11.15
C TRP A 237 -8.61 -14.89 12.02
N HIS A 238 -9.02 -15.51 13.13
CA HIS A 238 -8.05 -15.94 14.10
C HIS A 238 -7.22 -17.09 13.52
N GLU A 239 -7.84 -17.94 12.71
CA GLU A 239 -7.13 -19.05 12.07
C GLU A 239 -6.00 -18.52 11.20
N ILE A 240 -6.24 -17.38 10.56
CA ILE A 240 -5.22 -16.81 9.71
C ILE A 240 -4.07 -16.39 10.59
N ARG A 241 -4.36 -15.75 11.73
CA ARG A 241 -3.28 -15.25 12.56
C ARG A 241 -2.58 -16.40 13.29
N GLN A 242 -3.10 -17.62 13.16
CA GLN A 242 -2.41 -18.80 13.69
C GLN A 242 -1.35 -19.29 12.69
N GLY A 243 -1.29 -18.64 11.53
CA GLY A 243 -0.29 -18.95 10.51
C GLY A 243 -0.83 -19.81 9.38
N ARG A 244 -2.16 -19.98 9.35
CA ARG A 244 -2.83 -20.77 8.31
C ARG A 244 -3.21 -19.87 7.10
N LEU A 245 -2.67 -20.20 5.94
CA LEU A 245 -2.82 -19.38 4.74
C LEU A 245 -4.19 -19.66 4.12
N PRO A 246 -4.95 -18.60 3.78
CA PRO A 246 -6.26 -18.85 3.15
C PRO A 246 -6.13 -19.69 1.87
N ARG A 247 -7.20 -20.37 1.45
CA ARG A 247 -7.10 -21.16 0.22
C ARG A 247 -6.90 -20.27 -1.02
N ILE A 248 -5.96 -20.67 -1.88
CA ILE A 248 -5.73 -20.01 -3.17
C ILE A 248 -6.10 -20.95 -4.32
N PRO A 249 -7.00 -20.50 -5.23
CA PRO A 249 -7.49 -21.45 -6.23
C PRO A 249 -6.48 -21.78 -7.34
N GLN A 250 -5.52 -20.89 -7.61
CA GLN A 250 -4.47 -21.17 -8.58
C GLN A 250 -3.49 -22.15 -7.95
N VAL A 251 -3.00 -23.11 -8.73
CA VAL A 251 -1.92 -23.96 -8.26
C VAL A 251 -0.65 -23.11 -8.24
N LEU A 252 -0.14 -22.88 -7.04
CA LEU A 252 1.14 -22.23 -6.88
C LEU A 252 2.18 -23.30 -6.57
N SER A 253 3.41 -23.08 -7.03
CA SER A 253 4.50 -23.98 -6.62
C SER A 253 4.55 -24.03 -5.10
N GLN A 254 5.12 -25.10 -4.55
CA GLN A 254 5.19 -25.29 -3.10
C GLN A 254 6.17 -24.31 -2.45
N GLU A 255 7.15 -23.87 -3.21
CA GLU A 255 8.17 -22.96 -2.70
C GLU A 255 7.54 -21.57 -2.53
N PHE A 256 6.85 -21.09 -3.56
CA PHE A 256 6.10 -19.84 -3.45
C PHE A 256 5.09 -19.87 -2.27
N THR A 257 4.21 -20.86 -2.25
CA THR A 257 3.26 -21.05 -1.16
C THR A 257 3.90 -21.04 0.23
N GLU A 258 5.03 -21.73 0.40
CA GLU A 258 5.65 -21.78 1.72
C GLU A 258 6.22 -20.42 2.11
N LEU A 259 6.60 -19.62 1.12
CA LEU A 259 7.12 -18.31 1.44
C LEU A 259 5.99 -17.37 1.90
N LEU A 260 4.83 -17.47 1.25
CA LEU A 260 3.67 -16.73 1.72
C LEU A 260 3.32 -17.13 3.16
N LYS A 261 3.39 -18.43 3.43
CA LYS A 261 2.95 -18.95 4.71
C LYS A 261 3.87 -18.46 5.84
N VAL A 262 5.17 -18.45 5.58
CA VAL A 262 6.11 -17.99 6.60
C VAL A 262 5.94 -16.48 6.81
N MET A 263 5.47 -15.75 5.79
CA MET A 263 5.27 -14.31 6.00
C MET A 263 4.12 -13.97 6.96
N ILE A 264 3.27 -14.94 7.28
CA ILE A 264 2.19 -14.70 8.23
C ILE A 264 2.37 -15.54 9.50
N HIS A 265 3.62 -15.92 9.74
CA HIS A 265 3.91 -16.70 10.94
C HIS A 265 3.43 -15.95 12.18
N PRO A 266 2.81 -16.64 13.15
CA PRO A 266 2.41 -15.95 14.38
C PRO A 266 3.56 -15.25 15.12
N ASP A 267 4.78 -15.78 14.99
CA ASP A 267 5.94 -15.15 15.60
C ASP A 267 6.49 -14.15 14.60
N PRO A 268 6.41 -12.85 14.91
CA PRO A 268 6.86 -11.92 13.86
C PRO A 268 8.34 -12.06 13.52
N GLU A 269 9.18 -12.48 14.48
CA GLU A 269 10.60 -12.62 14.22
C GLU A 269 10.89 -13.81 13.28
N ARG A 270 9.91 -14.70 13.11
CA ARG A 270 10.04 -15.75 12.10
C ARG A 270 9.56 -15.31 10.72
N ARG A 271 8.96 -14.12 10.62
CA ARG A 271 8.68 -13.55 9.31
C ARG A 271 9.94 -12.92 8.72
N PRO A 272 10.14 -13.03 7.40
CA PRO A 272 11.30 -12.34 6.82
C PRO A 272 11.21 -10.83 6.94
N SER A 273 12.34 -10.16 7.09
CA SER A 273 12.37 -8.72 6.93
C SER A 273 12.22 -8.43 5.42
N ALA A 274 11.99 -7.18 5.06
CA ALA A 274 11.89 -6.90 3.62
C ALA A 274 13.21 -7.14 2.89
N MET A 275 14.31 -6.85 3.58
CA MET A 275 15.66 -7.12 3.07
C MET A 275 15.81 -8.58 2.66
N ALA A 276 15.38 -9.49 3.54
CA ALA A 276 15.45 -10.92 3.29
C ALA A 276 14.54 -11.35 2.16
N LEU A 277 13.43 -10.65 2.04
CA LEU A 277 12.46 -10.92 1.00
C LEU A 277 13.00 -10.66 -0.41
N VAL A 278 13.64 -9.51 -0.59
CA VAL A 278 14.06 -9.07 -1.92
C VAL A 278 15.34 -9.81 -2.37
N LYS A 279 15.93 -10.61 -1.49
CA LYS A 279 17.09 -11.42 -1.85
C LYS A 279 16.69 -12.89 -2.06
N HIS A 280 15.40 -13.18 -1.90
CA HIS A 280 14.87 -14.54 -2.03
C HIS A 280 14.84 -15.02 -3.48
N SER A 281 15.56 -16.12 -3.73
CA SER A 281 15.73 -16.66 -5.08
C SER A 281 14.42 -17.06 -5.76
N VAL A 282 13.45 -17.50 -4.97
CA VAL A 282 12.15 -17.89 -5.52
C VAL A 282 11.50 -16.69 -6.21
N LEU A 283 11.79 -15.51 -5.69
CA LEU A 283 11.26 -14.27 -6.27
C LEU A 283 12.10 -13.71 -7.44
N LEU A 284 13.43 -13.70 -7.28
CA LEU A 284 14.33 -13.16 -8.33
C LEU A 284 14.29 -13.97 -9.62
N SER A 285 14.06 -15.28 -9.53
CA SER A 285 13.98 -16.16 -10.69
C SER A 285 12.74 -15.88 -11.58
C01 96M B . -9.56 4.71 -15.32
C02 96M B . -11.09 4.61 -15.02
N03 96M B . -11.54 4.23 -13.61
C04 96M B . -11.93 2.81 -13.27
C05 96M B . -10.99 2.00 -12.34
C06 96M B . -11.51 5.21 -12.46
C07 96M B . -10.31 4.98 -11.48
O08 96M B . -9.19 4.43 -12.21
C09 96M B . -7.98 4.84 -11.78
C10 96M B . -6.92 5.05 -12.70
C11 96M B . -5.65 5.43 -12.22
C12 96M B . -5.42 5.62 -10.83
N13 96M B . -4.15 5.98 -10.45
C14 96M B . -3.70 6.63 -9.37
N15 96M B . -4.53 6.84 -8.32
C16 96M B . -4.19 7.50 -7.21
C17 96M B . -2.89 7.99 -7.11
C18 96M B . -2.02 7.75 -8.18
N19 96M B . -2.44 7.08 -9.27
C20 96M B . -2.49 8.68 -5.95
C21 96M B . -3.40 8.89 -4.91
C22 96M B . -4.71 8.37 -5.05
O23 96M B . -5.46 8.55 -4.08
N24 96M B . -5.10 7.69 -6.20
C25 96M B . -6.45 7.18 -6.38
C26 96M B . -3.01 9.60 -3.72
C27 96M B . -2.93 11.02 -3.74
CL28 96M B . -3.22 11.88 -5.16
C29 96M B . -2.55 11.76 -2.58
C30 96M B . -2.31 11.07 -1.37
C31 96M B . -2.41 9.67 -1.33
C32 96M B . -2.76 8.95 -2.50
CL33 96M B . -2.87 7.26 -2.39
C34 96M B . -6.49 5.40 -9.95
C35 96M B . -7.75 5.00 -10.41
H011 96M B . -9.41 5.36 -16.04
H013 96M B . -9.23 3.82 -15.60
H012 96M B . -9.09 4.99 -14.51
H021 96M B . -11.48 5.49 -15.22
H022 96M B . -11.48 3.96 -15.64
H042 96M B . -11.99 2.31 -14.13
H041 96M B . -12.82 2.83 -12.87
H051 96M B . -10.06 2.20 -12.54
H052 96M B . -11.16 1.04 -12.45
H053 96M B . -11.18 2.24 -11.40
H062 96M B . -12.35 5.13 -11.96
H061 96M B . -11.45 6.12 -12.83
H072 96M B . -10.59 4.35 -10.77
H071 96M B . -10.07 5.84 -11.08
H101 96M B . -7.06 4.93 -13.66
H111 96M B . -4.91 5.58 -12.85
H131 96M B . -3.49 5.71 -11.03
H181 96M B . -1.10 8.09 -8.13
H201 96M B . -1.57 9.02 -5.88
H252 96M B . -7.00 7.40 -5.61
H253 96M B . -6.41 6.20 -6.48
H251 96M B . -6.84 7.57 -7.19
H291 96M B . -2.49 12.73 -2.62
H301 96M B . -2.06 11.57 -0.56
H311 96M B . -2.22 9.20 -0.49
H341 96M B . -6.35 5.51 -8.99
H351 96M B . -8.48 4.86 -9.77
C1 EDO C . 7.84 9.86 -0.75
O1 EDO C . 6.59 10.53 -0.41
C2 EDO C . 7.81 9.55 -2.23
O2 EDO C . 7.79 10.78 -2.99
H11 EDO C . 8.69 10.51 -0.51
H12 EDO C . 7.94 8.93 -0.17
HO1 EDO C . 6.58 10.73 0.54
H21 EDO C . 8.69 8.97 -2.50
H22 EDO C . 6.92 8.96 -2.47
HO2 EDO C . 7.78 10.58 -3.93
CL CL D . 17.06 -8.07 8.76
CL CL E . -15.95 22.08 -3.15
C1 PEG F . 8.22 17.91 -10.90
O1 PEG F . 8.95 16.87 -11.39
C2 PEG F . 6.81 17.69 -11.33
O2 PEG F . 5.89 18.74 -11.04
C3 PEG F . 5.53 19.13 -9.68
C4 PEG F . 6.65 19.90 -8.99
O4 PEG F . 6.03 20.74 -8.07
H11 PEG F . 8.57 18.76 -11.25
H12 PEG F . 8.28 17.92 -9.88
HO1 PEG F . 8.58 16.59 -12.11
H21 PEG F . 6.80 17.53 -12.34
H22 PEG F . 6.48 16.85 -10.87
H31 PEG F . 4.73 19.71 -9.72
H32 PEG F . 5.32 18.31 -9.14
H41 PEG F . 7.14 20.44 -9.67
H42 PEG F . 7.26 19.27 -8.54
HO4 PEG F . 5.69 20.25 -7.39
#